data_4EW2
#
_entry.id   4EW2
#
_cell.length_a   78.173
_cell.length_b   78.173
_cell.length_c   229.348
_cell.angle_alpha   90.000
_cell.angle_beta   90.000
_cell.angle_gamma   120.000
#
_symmetry.space_group_name_H-M   'P 65 2 2'
#
loop_
_entity.id
_entity.type
_entity.pdbx_description
1 polymer 'Trifunctional purine biosynthetic protein adenosine-3'
2 non-polymer 'PHOSPHATE ION'
3 non-polymer 'SULFATE ION'
4 non-polymer 'N-({4-[(1S)-4-(2,4-diamino-6-oxo-1,6-dihydropyrimidin-5-yl)-1-(methylsulfanyl)butyl]phenyl}carbonyl)-L-glutamic acid'
5 water water
#
_entity_poly.entity_id   1
_entity_poly.type   'polypeptide(L)'
_entity_poly.pdbx_seq_one_letter_code
;ARVAVLISGTGSNLQALIDSTREPNSSAQIDIVISNKAAVAGLDKAERAGIPTRVINHKLYKNRVEFDSAIDLVLEEFSI
DIVCLAGFMRILSGPFVQKWNGKMLNIHPSLLPSFKGSNAHEQALETGVTVTGCTVHFVAEDVDAGQIILQEAVPVKRGD
TVATLSERVKLAEHKIFPAALQLVASGTVQLGENGKICWVKEEHHHHHH
;
_entity_poly.pdbx_strand_id   A
#
# COMPACT_ATOMS: atom_id res chain seq x y z
N ALA A 1 2.76 -12.63 9.67
CA ALA A 1 3.29 -11.24 9.76
C ALA A 1 2.18 -10.32 10.21
N ARG A 2 2.54 -9.42 11.11
CA ARG A 2 1.62 -8.43 11.64
C ARG A 2 1.70 -7.17 10.78
N VAL A 3 0.55 -6.70 10.32
CA VAL A 3 0.51 -5.62 9.35
C VAL A 3 -0.26 -4.39 9.85
N ALA A 4 0.31 -3.22 9.60
CA ALA A 4 -0.33 -1.90 9.82
C ALA A 4 -0.74 -1.32 8.46
N VAL A 5 -1.84 -0.61 8.43
CA VAL A 5 -2.21 0.18 7.24
C VAL A 5 -2.29 1.63 7.70
N LEU A 6 -1.60 2.51 6.96
CA LEU A 6 -1.57 3.94 7.19
C LEU A 6 -2.50 4.57 6.15
N ILE A 7 -3.40 5.42 6.65
CA ILE A 7 -4.40 6.09 5.83
C ILE A 7 -4.54 7.56 6.17
N SER A 8 -5.19 8.30 5.27
CA SER A 8 -5.57 9.66 5.58
C SER A 8 -7.03 9.96 5.31
N GLY A 9 -7.71 9.02 4.71
CA GLY A 9 -9.10 9.20 4.22
C GLY A 9 -9.92 7.93 4.20
N THR A 10 -10.31 7.53 2.98
CA THR A 10 -11.28 6.46 2.82
CA THR A 10 -11.27 6.47 2.77
C THR A 10 -10.68 5.07 2.99
N GLY A 11 -9.38 4.98 3.04
CA GLY A 11 -8.72 3.65 3.12
C GLY A 11 -9.06 2.75 1.95
N SER A 12 -8.87 3.29 0.75
CA SER A 12 -9.11 2.47 -0.46
C SER A 12 -8.26 1.22 -0.41
N ASN A 13 -8.89 0.09 -0.70
CA ASN A 13 -8.31 -1.25 -0.71
C ASN A 13 -8.16 -1.87 0.67
N LEU A 14 -8.51 -1.12 1.71
CA LEU A 14 -8.37 -1.66 3.08
C LEU A 14 -9.27 -2.88 3.27
N GLN A 15 -10.51 -2.83 2.80
CA GLN A 15 -11.38 -3.99 2.94
C GLN A 15 -10.86 -5.16 2.16
N ALA A 16 -10.30 -4.90 1.00
CA ALA A 16 -9.72 -5.98 0.22
C ALA A 16 -8.60 -6.66 1.00
N LEU A 17 -7.76 -5.85 1.62
CA LEU A 17 -6.65 -6.35 2.41
C LEU A 17 -7.18 -7.13 3.61
N ILE A 18 -8.16 -6.57 4.31
CA ILE A 18 -8.75 -7.31 5.46
C ILE A 18 -9.29 -8.67 5.04
N ASP A 19 -10.11 -8.67 3.99
CA ASP A 19 -10.76 -9.88 3.55
C ASP A 19 -9.69 -10.94 3.21
N SER A 20 -8.62 -10.54 2.55
CA SER A 20 -7.56 -11.48 2.17
CA SER A 20 -7.57 -11.48 2.17
C SER A 20 -6.94 -12.17 3.39
N THR A 21 -6.82 -11.42 4.48
CA THR A 21 -6.16 -11.96 5.69
C THR A 21 -7.03 -12.95 6.42
N ARG A 22 -8.32 -12.97 6.10
CA ARG A 22 -9.21 -13.95 6.72
C ARG A 22 -9.29 -15.22 5.91
N GLU A 23 -8.53 -15.27 4.82
CA GLU A 23 -8.48 -16.50 4.02
C GLU A 23 -7.67 -17.51 4.80
N PRO A 24 -8.00 -18.81 4.64
CA PRO A 24 -7.35 -19.95 5.28
C PRO A 24 -5.83 -19.87 5.37
N ASN A 25 -5.15 -19.71 4.26
CA ASN A 25 -3.68 -19.85 4.27
C ASN A 25 -2.96 -18.52 4.34
N SER A 26 -3.65 -17.52 4.87
CA SER A 26 -3.05 -16.18 4.95
C SER A 26 -1.77 -16.11 5.80
N SER A 27 -0.78 -15.40 5.29
CA SER A 27 0.42 -15.12 6.04
C SER A 27 0.44 -13.76 6.77
N ALA A 28 -0.69 -13.08 6.72
CA ALA A 28 -0.80 -11.71 7.22
C ALA A 28 -2.05 -11.55 8.07
N GLN A 29 -1.94 -10.69 9.08
CA GLN A 29 -3.12 -10.21 9.82
C GLN A 29 -3.00 -8.68 9.94
N ILE A 30 -4.12 -7.98 9.76
CA ILE A 30 -4.15 -6.53 9.89
C ILE A 30 -4.38 -6.25 11.38
N ASP A 31 -3.35 -5.74 12.02
CA ASP A 31 -3.35 -5.52 13.48
C ASP A 31 -3.56 -4.09 13.94
N ILE A 32 -3.42 -3.13 13.02
CA ILE A 32 -3.70 -1.74 13.34
C ILE A 32 -3.89 -0.92 12.07
N VAL A 33 -4.74 0.06 12.15
CA VAL A 33 -4.91 1.05 11.07
C VAL A 33 -4.69 2.41 11.71
N ILE A 34 -3.76 3.17 11.15
CA ILE A 34 -3.36 4.45 11.66
C ILE A 34 -3.72 5.54 10.64
N SER A 35 -4.42 6.57 11.10
CA SER A 35 -4.75 7.74 10.28
C SER A 35 -4.11 8.97 10.85
N ASN A 36 -3.77 9.92 9.97
CA ASN A 36 -3.35 11.23 10.44
C ASN A 36 -4.53 12.19 10.55
N LYS A 37 -5.71 11.68 10.21
CA LYS A 37 -6.94 12.49 10.24
CA LYS A 37 -6.95 12.50 10.21
C LYS A 37 -8.07 11.77 10.95
N ALA A 38 -8.70 12.48 11.89
CA ALA A 38 -9.77 11.90 12.67
C ALA A 38 -11.02 11.66 11.86
N ALA A 39 -11.69 10.55 12.16
CA ALA A 39 -13.09 10.31 11.77
C ALA A 39 -13.29 10.13 10.28
N VAL A 40 -12.23 9.69 9.63
CA VAL A 40 -12.31 9.37 8.21
C VAL A 40 -12.89 7.97 7.98
N ALA A 41 -13.38 7.74 6.77
CA ALA A 41 -14.10 6.54 6.49
C ALA A 41 -13.28 5.27 6.69
N GLY A 42 -11.98 5.36 6.43
CA GLY A 42 -11.14 4.21 6.54
C GLY A 42 -10.99 3.72 7.97
N LEU A 43 -11.12 4.65 8.90
CA LEU A 43 -11.09 4.26 10.33
C LEU A 43 -12.34 3.50 10.70
N ASP A 44 -13.48 3.99 10.22
CA ASP A 44 -14.75 3.28 10.42
C ASP A 44 -14.68 1.90 9.81
N LYS A 45 -14.08 1.78 8.62
CA LYS A 45 -13.88 0.45 8.05
C LYS A 45 -13.12 -0.54 8.97
N ALA A 46 -12.04 -0.04 9.53
CA ALA A 46 -11.18 -0.83 10.39
C ALA A 46 -11.93 -1.21 11.67
N GLU A 47 -12.59 -0.21 12.25
CA GLU A 47 -13.28 -0.38 13.53
C GLU A 47 -14.42 -1.38 13.39
N ARG A 48 -15.15 -1.27 12.27
CA ARG A 48 -16.25 -2.20 12.00
C ARG A 48 -15.74 -3.64 11.85
N ALA A 49 -14.48 -3.79 11.41
CA ALA A 49 -13.83 -5.10 11.28
C ALA A 49 -13.14 -5.58 12.55
N GLY A 50 -13.26 -4.79 13.60
CA GLY A 50 -12.62 -5.14 14.88
C GLY A 50 -11.11 -4.96 14.99
N ILE A 51 -10.57 -4.11 14.14
CA ILE A 51 -9.16 -3.83 14.14
C ILE A 51 -8.86 -2.53 14.87
N PRO A 52 -7.88 -2.56 15.79
CA PRO A 52 -7.44 -1.34 16.44
C PRO A 52 -7.05 -0.24 15.50
N THR A 53 -7.34 0.98 15.93
CA THR A 53 -6.99 2.19 15.20
C THR A 53 -6.34 3.24 16.11
N ARG A 54 -5.55 4.10 15.51
CA ARG A 54 -4.95 5.22 16.17
C ARG A 54 -5.02 6.41 15.21
N VAL A 55 -5.10 7.60 15.77
CA VAL A 55 -5.04 8.85 15.03
C VAL A 55 -3.87 9.68 15.54
N ILE A 56 -3.00 10.08 14.62
CA ILE A 56 -1.82 10.85 14.96
C ILE A 56 -1.83 12.10 14.13
N ASN A 57 -2.01 13.22 14.80
CA ASN A 57 -2.20 14.52 14.15
C ASN A 57 -0.87 15.22 13.94
N HIS A 58 -0.48 15.41 12.69
CA HIS A 58 0.84 15.99 12.43
C HIS A 58 1.02 17.39 13.01
N LYS A 59 -0.09 18.09 13.19
CA LYS A 59 -0.06 19.45 13.76
C LYS A 59 0.39 19.52 15.23
N LEU A 60 0.47 18.38 15.89
CA LEU A 60 0.88 18.32 17.28
C LEU A 60 2.38 18.15 17.46
N TYR A 61 3.09 18.08 16.32
CA TYR A 61 4.53 17.83 16.31
C TYR A 61 5.26 18.96 15.61
N LYS A 62 6.50 19.17 16.01
CA LYS A 62 7.28 20.33 15.55
C LYS A 62 7.61 20.26 14.06
N ASN A 63 7.79 19.03 13.59
CA ASN A 63 8.22 18.78 12.21
C ASN A 63 7.89 17.36 11.76
N ARG A 64 8.22 17.08 10.51
CA ARG A 64 7.89 15.80 9.88
C ARG A 64 8.55 14.62 10.59
N VAL A 65 9.80 14.80 11.00
CA VAL A 65 10.53 13.69 11.65
C VAL A 65 9.91 13.31 13.01
N GLU A 66 9.48 14.30 13.75
CA GLU A 66 8.86 14.06 15.05
C GLU A 66 7.51 13.36 14.89
N PHE A 67 6.74 13.85 13.93
CA PHE A 67 5.48 13.21 13.55
C PHE A 67 5.67 11.76 13.14
N ASP A 68 6.62 11.51 12.23
CA ASP A 68 6.90 10.13 11.79
C ASP A 68 7.42 9.23 12.89
N SER A 69 8.18 9.82 13.81
CA SER A 69 8.69 9.09 14.96
C SER A 69 7.54 8.66 15.86
N ALA A 70 6.52 9.50 15.94
CA ALA A 70 5.31 9.12 16.69
C ALA A 70 4.55 7.96 16.02
N ILE A 71 4.48 7.97 14.69
CA ILE A 71 3.90 6.86 13.97
C ILE A 71 4.70 5.60 14.25
N ASP A 72 6.01 5.72 14.11
CA ASP A 72 6.89 4.56 14.31
C ASP A 72 6.73 3.97 15.71
N LEU A 73 6.54 4.82 16.71
CA LEU A 73 6.42 4.33 18.09
C LEU A 73 5.16 3.48 18.23
N VAL A 74 4.06 3.91 17.60
CA VAL A 74 2.85 3.10 17.60
C VAL A 74 3.06 1.76 16.90
N LEU A 75 3.72 1.81 15.75
CA LEU A 75 4.09 0.59 15.04
C LEU A 75 4.91 -0.36 15.91
N GLU A 76 5.83 0.21 16.68
CA GLU A 76 6.78 -0.46 17.67
CA GLU A 76 6.67 -0.64 17.53
C GLU A 76 5.91 -1.15 18.74
N GLU A 77 4.99 -0.35 19.27
CA GLU A 77 4.11 -0.85 20.37
C GLU A 77 3.24 -2.02 19.96
N PHE A 78 2.79 -2.01 18.70
CA PHE A 78 1.96 -3.07 18.17
C PHE A 78 2.74 -4.21 17.46
N SER A 79 4.05 -4.18 17.60
CA SER A 79 4.92 -5.26 17.11
CA SER A 79 4.94 -5.24 17.10
C SER A 79 4.68 -5.48 15.62
N ILE A 80 4.57 -4.39 14.90
CA ILE A 80 4.27 -4.50 13.45
C ILE A 80 5.49 -4.91 12.65
N ASP A 81 5.24 -5.79 11.69
CA ASP A 81 6.26 -6.29 10.77
C ASP A 81 6.26 -5.62 9.38
N ILE A 82 5.07 -5.26 8.93
CA ILE A 82 4.86 -4.76 7.54
C ILE A 82 3.85 -3.62 7.56
N VAL A 83 4.14 -2.57 6.79
CA VAL A 83 3.24 -1.43 6.63
C VAL A 83 2.71 -1.37 5.17
N CYS A 84 1.41 -1.21 5.04
CA CYS A 84 0.79 -0.84 3.75
C CYS A 84 0.28 0.57 3.83
N LEU A 85 0.54 1.35 2.79
CA LEU A 85 -0.06 2.69 2.67
C LEU A 85 -1.31 2.55 1.85
N ALA A 86 -2.38 3.15 2.34
CA ALA A 86 -3.66 3.17 1.60
C ALA A 86 -4.20 4.61 1.63
N GLY A 87 -3.77 5.42 0.67
CA GLY A 87 -4.17 6.81 0.63
C GLY A 87 -3.61 7.65 1.75
N PHE A 88 -2.36 7.39 2.13
CA PHE A 88 -1.69 8.17 3.15
C PHE A 88 -1.07 9.41 2.53
N MET A 89 -1.50 10.59 2.96
CA MET A 89 -1.20 11.83 2.22
C MET A 89 -0.13 12.72 2.81
N ARG A 90 0.71 12.15 3.67
CA ARG A 90 1.85 12.87 4.17
C ARG A 90 3.10 12.17 3.69
N ILE A 91 4.04 12.96 3.16
CA ILE A 91 5.35 12.44 2.76
C ILE A 91 6.09 12.00 4.02
N LEU A 92 6.49 10.74 4.00
CA LEU A 92 7.25 10.15 5.09
C LEU A 92 8.72 10.50 4.97
N SER A 93 9.32 10.84 6.12
CA SER A 93 10.71 11.27 6.22
C SER A 93 11.67 10.20 5.74
N GLY A 94 12.86 10.63 5.36
CA GLY A 94 13.88 9.68 4.98
C GLY A 94 14.21 8.64 6.05
N PRO A 95 14.38 9.08 7.31
CA PRO A 95 14.64 8.12 8.38
C PRO A 95 13.54 7.08 8.55
N PHE A 96 12.29 7.49 8.38
CA PHE A 96 11.20 6.53 8.51
C PHE A 96 11.25 5.53 7.36
N VAL A 97 11.40 6.06 6.15
CA VAL A 97 11.39 5.19 4.97
C VAL A 97 12.55 4.18 5.00
N GLN A 98 13.68 4.69 5.47
CA GLN A 98 14.90 3.86 5.61
C GLN A 98 14.65 2.71 6.59
N LYS A 99 14.09 3.06 7.75
CA LYS A 99 13.83 2.05 8.74
C LYS A 99 12.94 0.94 8.22
N TRP A 100 11.92 1.32 7.43
CA TRP A 100 10.89 0.41 7.00
C TRP A 100 11.17 -0.17 5.60
N ASN A 101 12.39 0.04 5.13
CA ASN A 101 12.78 -0.35 3.74
C ASN A 101 12.59 -1.84 3.57
N GLY A 102 11.89 -2.24 2.51
CA GLY A 102 11.57 -3.62 2.29
C GLY A 102 10.45 -4.20 3.05
N LYS A 103 9.80 -3.36 3.87
N LYS A 103 9.84 -3.28 3.83
CA LYS A 103 8.65 -3.83 4.65
CA LYS A 103 8.81 -3.59 4.83
C LYS A 103 7.43 -2.94 4.53
C LYS A 103 7.59 -2.68 4.72
N MET A 104 7.52 -1.91 3.65
CA MET A 104 6.42 -0.99 3.47
C MET A 104 6.04 -0.90 1.98
N LEU A 105 4.76 -1.11 1.72
CA LEU A 105 4.26 -1.24 0.34
C LEU A 105 3.17 -0.22 0.08
N ASN A 106 3.05 0.18 -1.18
CA ASN A 106 1.95 0.99 -1.60
C ASN A 106 1.51 0.67 -3.00
N ILE A 107 0.40 1.28 -3.44
CA ILE A 107 -0.16 0.98 -4.75
C ILE A 107 -0.41 2.28 -5.52
N HIS A 108 -0.32 2.20 -6.85
CA HIS A 108 -0.50 3.35 -7.72
C HIS A 108 -1.32 2.88 -8.94
N PRO A 109 -2.29 3.72 -9.38
CA PRO A 109 -3.20 3.30 -10.45
C PRO A 109 -2.65 3.60 -11.84
N SER A 110 -1.41 3.21 -12.02
CA SER A 110 -0.81 3.12 -13.38
C SER A 110 0.19 1.98 -13.41
N LEU A 111 0.65 1.67 -14.61
CA LEU A 111 1.82 0.82 -14.79
C LEU A 111 3.03 1.72 -14.71
N LEU A 112 3.59 1.83 -13.52
CA LEU A 112 4.73 2.70 -13.34
C LEU A 112 5.86 2.14 -14.23
N PRO A 113 6.70 3.01 -14.76
CA PRO A 113 6.91 4.42 -14.51
C PRO A 113 6.00 5.41 -15.25
N SER A 114 4.99 4.94 -15.94
CA SER A 114 4.02 5.85 -16.55
C SER A 114 3.14 6.53 -15.53
N PHE A 115 2.75 7.75 -15.87
CA PHE A 115 1.67 8.48 -15.17
C PHE A 115 1.92 8.53 -13.66
N LYS A 116 3.10 9.02 -13.36
CA LYS A 116 3.49 9.38 -11.99
C LYS A 116 2.60 10.48 -11.47
N GLY A 117 2.52 10.58 -10.17
CA GLY A 117 1.76 11.64 -9.55
C GLY A 117 0.27 11.41 -9.45
N SER A 118 -0.45 12.50 -9.23
CA SER A 118 -1.88 12.37 -9.03
C SER A 118 -2.62 12.30 -10.35
N ASN A 119 -3.86 11.90 -10.27
CA ASN A 119 -4.76 11.88 -11.38
C ASN A 119 -4.27 10.98 -12.51
N ALA A 120 -3.72 9.83 -12.14
CA ALA A 120 -3.19 8.90 -13.16
C ALA A 120 -4.24 8.37 -14.13
N HIS A 121 -5.51 8.31 -13.72
CA HIS A 121 -6.54 7.78 -14.61
C HIS A 121 -6.82 8.84 -15.68
N GLU A 122 -6.96 10.10 -15.26
CA GLU A 122 -7.07 11.23 -16.22
C GLU A 122 -5.86 11.31 -17.14
N GLN A 123 -4.66 11.11 -16.60
CA GLN A 123 -3.45 11.17 -17.43
C GLN A 123 -3.54 10.11 -18.51
N ALA A 124 -3.97 8.91 -18.14
CA ALA A 124 -4.06 7.80 -19.09
C ALA A 124 -5.05 8.14 -20.21
N LEU A 125 -6.18 8.69 -19.81
CA LEU A 125 -7.23 9.03 -20.80
C LEU A 125 -6.76 10.15 -21.72
N GLU A 126 -6.14 11.17 -21.14
CA GLU A 126 -5.69 12.36 -21.89
C GLU A 126 -4.60 11.96 -22.87
N THR A 127 -3.78 11.00 -22.47
CA THR A 127 -2.65 10.57 -23.30
C THR A 127 -3.11 9.67 -24.44
N GLY A 128 -4.17 8.91 -24.21
CA GLY A 128 -4.73 8.00 -25.19
C GLY A 128 -4.13 6.60 -25.28
N VAL A 129 -3.51 6.17 -24.19
CA VAL A 129 -3.11 4.78 -24.10
C VAL A 129 -4.27 3.83 -24.22
N THR A 130 -4.00 2.63 -24.68
CA THR A 130 -5.01 1.56 -24.73
C THR A 130 -4.85 0.57 -23.59
N VAL A 131 -3.69 0.62 -22.94
CA VAL A 131 -3.40 -0.27 -21.78
C VAL A 131 -2.88 0.59 -20.68
N THR A 132 -3.55 0.51 -19.50
CA THR A 132 -2.98 1.11 -18.29
C THR A 132 -2.90 -0.02 -17.26
N GLY A 133 -3.01 0.29 -15.96
CA GLY A 133 -2.99 -0.80 -14.99
C GLY A 133 -2.72 -0.24 -13.60
N CYS A 134 -2.27 -1.12 -12.71
CA CYS A 134 -1.83 -0.67 -11.37
C CYS A 134 -0.55 -1.38 -10.97
N THR A 135 0.14 -0.76 -10.04
CA THR A 135 1.48 -1.20 -9.60
C THR A 135 1.55 -1.18 -8.07
N VAL A 136 1.96 -2.32 -7.49
CA VAL A 136 2.32 -2.36 -6.07
C VAL A 136 3.86 -2.35 -5.98
N HIS A 137 4.39 -1.47 -5.15
CA HIS A 137 5.82 -1.33 -4.96
C HIS A 137 6.21 -1.07 -3.53
N PHE A 138 7.45 -1.41 -3.20
CA PHE A 138 8.04 -0.96 -1.95
C PHE A 138 8.15 0.55 -1.98
N VAL A 139 7.86 1.17 -0.86
CA VAL A 139 7.96 2.59 -0.72
C VAL A 139 9.41 3.08 -0.56
N ALA A 140 9.72 4.11 -1.35
CA ALA A 140 11.00 4.80 -1.32
C ALA A 140 10.84 6.24 -0.89
N GLU A 141 11.94 6.93 -0.67
CA GLU A 141 11.87 8.32 -0.19
C GLU A 141 11.16 9.20 -1.23
N ASP A 142 11.53 8.98 -2.49
CA ASP A 142 10.86 9.65 -3.61
C ASP A 142 9.54 9.00 -3.96
N VAL A 143 8.51 9.83 -4.09
CA VAL A 143 7.19 9.35 -4.49
C VAL A 143 7.26 8.61 -5.84
N ASP A 144 6.54 7.50 -5.94
CA ASP A 144 6.45 6.66 -7.17
C ASP A 144 7.71 5.84 -7.51
N ALA A 145 8.82 6.13 -6.83
CA ALA A 145 10.03 5.32 -6.93
C ALA A 145 9.86 4.15 -5.97
N GLY A 146 10.80 3.22 -6.00
CA GLY A 146 10.73 2.04 -5.16
C GLY A 146 10.45 0.81 -5.96
N GLN A 147 11.05 -0.29 -5.51
CA GLN A 147 11.05 -1.52 -6.31
C GLN A 147 9.67 -2.15 -6.48
N ILE A 148 9.33 -2.46 -7.73
CA ILE A 148 8.06 -3.06 -8.07
C ILE A 148 7.89 -4.50 -7.66
N ILE A 149 6.77 -4.77 -7.00
CA ILE A 149 6.44 -6.14 -6.58
C ILE A 149 5.52 -6.86 -7.56
N LEU A 150 4.36 -6.24 -7.83
CA LEU A 150 3.38 -6.78 -8.79
C LEU A 150 2.80 -5.64 -9.62
N GLN A 151 2.50 -5.98 -10.88
CA GLN A 151 1.73 -5.08 -11.75
C GLN A 151 0.63 -5.86 -12.45
N GLU A 152 -0.47 -5.19 -12.76
N GLU A 152 -0.42 -5.15 -12.83
CA GLU A 152 -1.49 -5.81 -13.59
CA GLU A 152 -1.55 -5.76 -13.52
C GLU A 152 -1.91 -4.79 -14.62
C GLU A 152 -2.08 -4.84 -14.60
N ALA A 153 -1.92 -5.26 -15.87
CA ALA A 153 -2.41 -4.46 -16.98
C ALA A 153 -3.93 -4.48 -17.01
N VAL A 154 -4.49 -3.33 -17.36
CA VAL A 154 -5.95 -3.10 -17.45
C VAL A 154 -6.22 -2.33 -18.77
N PRO A 155 -7.18 -2.80 -19.54
CA PRO A 155 -7.49 -2.10 -20.81
C PRO A 155 -8.19 -0.79 -20.58
N VAL A 156 -7.90 0.18 -21.43
CA VAL A 156 -8.71 1.36 -21.58
C VAL A 156 -9.71 1.03 -22.68
N LYS A 157 -10.98 1.28 -22.41
CA LYS A 157 -12.05 0.94 -23.36
C LYS A 157 -12.55 2.20 -24.03
N ARG A 158 -12.88 2.05 -25.31
CA ARG A 158 -13.53 3.13 -26.07
CA ARG A 158 -13.47 3.16 -26.04
C ARG A 158 -14.70 3.64 -25.27
N GLY A 159 -14.73 4.92 -25.02
CA GLY A 159 -15.87 5.52 -24.37
C GLY A 159 -15.64 5.71 -22.88
N ASP A 160 -14.54 5.15 -22.37
CA ASP A 160 -14.27 5.30 -20.92
C ASP A 160 -14.29 6.74 -20.47
N THR A 161 -14.81 6.95 -19.26
CA THR A 161 -14.64 8.19 -18.53
C THR A 161 -13.65 7.98 -17.37
N VAL A 162 -13.23 9.05 -16.69
CA VAL A 162 -12.40 8.88 -15.48
C VAL A 162 -13.06 7.84 -14.56
N ALA A 163 -14.38 7.92 -14.38
CA ALA A 163 -15.06 7.02 -13.47
C ALA A 163 -15.05 5.55 -13.89
N THR A 164 -15.28 5.26 -15.16
CA THR A 164 -15.39 3.88 -15.56
C THR A 164 -13.98 3.25 -15.60
N LEU A 165 -12.99 4.03 -16.00
CA LEU A 165 -11.60 3.52 -16.04
C LEU A 165 -11.16 3.28 -14.59
N SER A 166 -11.50 4.23 -13.75
CA SER A 166 -11.11 4.18 -12.32
CA SER A 166 -11.14 4.19 -12.31
C SER A 166 -11.66 2.92 -11.67
N GLU A 167 -12.93 2.63 -11.89
N GLU A 167 -12.88 2.59 -12.02
CA GLU A 167 -13.49 1.42 -11.33
CA GLU A 167 -13.56 1.45 -11.41
C GLU A 167 -12.73 0.21 -11.81
C GLU A 167 -12.92 0.13 -11.87
N ARG A 168 -12.48 0.14 -13.12
CA ARG A 168 -11.84 -1.04 -13.69
C ARG A 168 -10.45 -1.25 -13.05
N VAL A 169 -9.72 -0.16 -12.87
CA VAL A 169 -8.38 -0.23 -12.29
C VAL A 169 -8.55 -0.62 -10.82
N LYS A 170 -9.62 -0.15 -10.20
CA LYS A 170 -9.81 -0.45 -8.76
C LYS A 170 -10.03 -1.95 -8.55
N LEU A 171 -10.76 -2.59 -9.45
CA LEU A 171 -10.99 -4.01 -9.37
C LEU A 171 -9.65 -4.77 -9.44
N ALA A 172 -8.75 -4.30 -10.30
CA ALA A 172 -7.42 -4.90 -10.39
C ALA A 172 -6.62 -4.66 -9.09
N GLU A 173 -6.72 -3.46 -8.56
CA GLU A 173 -6.07 -3.10 -7.27
C GLU A 173 -6.55 -4.02 -6.16
N HIS A 174 -7.84 -4.27 -6.13
CA HIS A 174 -8.44 -5.21 -5.12
C HIS A 174 -7.82 -6.61 -5.16
N LYS A 175 -7.33 -6.97 -6.34
N LYS A 175 -7.32 -6.99 -6.34
CA LYS A 175 -6.66 -8.23 -6.59
CA LYS A 175 -6.63 -8.25 -6.51
C LYS A 175 -5.18 -8.18 -6.19
C LYS A 175 -5.15 -8.17 -6.15
N ILE A 176 -4.44 -7.20 -6.72
CA ILE A 176 -3.00 -7.21 -6.57
C ILE A 176 -2.46 -6.66 -5.28
N PHE A 177 -3.18 -5.75 -4.62
CA PHE A 177 -2.65 -5.23 -3.34
C PHE A 177 -2.60 -6.40 -2.31
N PRO A 178 -3.70 -7.15 -2.17
CA PRO A 178 -3.61 -8.30 -1.24
C PRO A 178 -2.64 -9.39 -1.69
N ALA A 179 -2.59 -9.65 -2.99
CA ALA A 179 -1.64 -10.66 -3.48
C ALA A 179 -0.21 -10.26 -3.15
N ALA A 180 0.12 -8.99 -3.32
CA ALA A 180 1.45 -8.47 -3.03
C ALA A 180 1.74 -8.56 -1.52
N LEU A 181 0.74 -8.18 -0.74
CA LEU A 181 0.91 -8.26 0.74
C LEU A 181 1.22 -9.70 1.12
N GLN A 182 0.52 -10.65 0.53
CA GLN A 182 0.75 -12.07 0.85
C GLN A 182 2.16 -12.48 0.50
N LEU A 183 2.62 -12.05 -0.66
CA LEU A 183 4.00 -12.35 -1.07
C LEU A 183 5.02 -11.84 -0.10
N VAL A 184 4.84 -10.62 0.39
CA VAL A 184 5.79 -10.01 1.29
C VAL A 184 5.65 -10.60 2.70
N ALA A 185 4.42 -10.85 3.10
CA ALA A 185 4.12 -11.37 4.47
C ALA A 185 4.65 -12.81 4.62
N SER A 186 4.52 -13.60 3.56
CA SER A 186 4.95 -15.01 3.54
C SER A 186 6.46 -15.12 3.47
N GLY A 187 7.14 -14.05 3.07
CA GLY A 187 8.58 -14.03 2.77
C GLY A 187 8.96 -14.51 1.35
N THR A 188 7.94 -14.83 0.57
CA THR A 188 8.15 -15.31 -0.83
C THR A 188 8.83 -14.21 -1.63
N VAL A 189 8.42 -12.97 -1.42
CA VAL A 189 9.11 -11.86 -2.01
C VAL A 189 9.71 -11.06 -0.92
N GLN A 190 11.01 -10.83 -1.03
N GLN A 190 10.93 -10.67 -1.20
CA GLN A 190 11.77 -10.05 -0.04
CA GLN A 190 11.74 -9.91 -0.31
C GLN A 190 12.65 -9.09 -0.86
C GLN A 190 12.51 -8.87 -1.05
N LEU A 191 13.04 -7.95 -0.29
CA LEU A 191 13.92 -6.98 -0.92
C LEU A 191 15.36 -7.39 -0.64
N GLY A 192 16.13 -7.63 -1.71
CA GLY A 192 17.52 -8.06 -1.52
C GLY A 192 18.40 -6.96 -0.97
N GLU A 193 19.55 -7.35 -0.43
CA GLU A 193 20.54 -6.38 0.07
CA GLU A 193 20.44 -6.30 0.08
C GLU A 193 21.00 -5.47 -1.06
N ASN A 194 20.93 -6.00 -2.29
CA ASN A 194 21.28 -5.19 -3.49
C ASN A 194 20.17 -4.22 -3.93
N GLY A 195 19.08 -4.18 -3.19
CA GLY A 195 18.03 -3.21 -3.51
C GLY A 195 17.09 -3.63 -4.61
N LYS A 196 17.22 -4.87 -5.04
N LYS A 196 17.23 -4.88 -5.04
CA LYS A 196 16.32 -5.45 -6.04
CA LYS A 196 16.32 -5.48 -6.02
C LYS A 196 15.45 -6.53 -5.42
C LYS A 196 15.44 -6.54 -5.41
N ILE A 197 14.30 -6.76 -6.05
CA ILE A 197 13.40 -7.81 -5.63
C ILE A 197 14.02 -9.21 -5.70
N CYS A 198 13.80 -9.99 -4.64
CA CYS A 198 14.18 -11.39 -4.59
CA CYS A 198 14.16 -11.42 -4.54
C CYS A 198 12.98 -12.29 -4.35
N TRP A 199 12.82 -13.29 -5.22
CA TRP A 199 11.78 -14.32 -5.09
C TRP A 199 12.41 -15.55 -4.43
N VAL A 200 12.10 -15.74 -3.15
CA VAL A 200 12.77 -16.66 -2.24
C VAL A 200 12.03 -17.98 -2.18
N LYS A 201 12.77 -19.07 -2.23
CA LYS A 201 12.18 -20.38 -1.96
C LYS A 201 12.32 -20.65 -0.48
N GLU A 202 11.20 -20.83 0.19
CA GLU A 202 11.22 -20.96 1.66
CA GLU A 202 11.15 -20.97 1.66
C GLU A 202 11.52 -22.37 2.13
N GLU A 203 12.31 -22.43 3.19
CA GLU A 203 12.71 -23.73 3.75
C GLU A 203 11.53 -24.52 4.22
N HIS A 204 10.59 -23.83 4.85
CA HIS A 204 9.47 -24.52 5.45
C HIS A 204 8.47 -24.93 4.39
N HIS A 205 8.18 -26.22 4.40
CA HIS A 205 7.20 -26.81 3.46
C HIS A 205 5.95 -27.22 4.22
#